data_7I2I
#
_entry.id   7I2I
#
_cell.length_a   82.255
_cell.length_b   116.592
_cell.length_c   148.760
_cell.angle_alpha   90.000
_cell.angle_beta   90.000
_cell.angle_gamma   90.000
#
_symmetry.space_group_name_H-M   'I 2 2 2'
#
loop_
_entity.id
_entity.type
_entity.pdbx_description
1 polymer 'NS5 RNA-dependent RNA polymerase'
2 non-polymer 'ZINC ION'
3 non-polymer '2-(N-MORPHOLINO)-ETHANESULFONIC ACID'
4 non-polymer 'DIMETHYL SULFOXIDE'
5 non-polymer 'PHOSPHATE ION'
6 non-polymer DI(HYDROXYETHYL)ETHER
7 non-polymer 'CHLORIDE ION'
8 non-polymer 2-(1H-pyrrol-1-yl)pyridin-3-amine
9 water water
#
_entity_poly.entity_id   1
_entity_poly.type   'polypeptide(L)'
_entity_poly.pdbx_seq_one_letter_code
;GPGIESETPNLDIIGKRIEKIKQEHETSWHYDQDHPYKTWAYHGSYETKQTGSASSMVNGVVRLLTKPWDIIPMVTQMAM
TDTTPFGQQRVFKEKVDTRTQEPKEGTKKLMKITAEWLWKELGKKKTPRMCTREEFTRKVRSNAALGAIFTDENKWKSAR
EAVEDSGFWELVDKERNLHLEGKCETCVYNMMGKREKKLGEFGKAKGSRAIWYMWLGARFLEFEALGFLNEDHWFSRENS
LSGVEGEGLHKLGYILRDVSKKEGGAMYADDTAGWDTRITLEDLKNEEMVTNHMEGEHKKLAEAIFKLTYQNKVVRVQRP
TPRGTVMDIISRRDQRGSGQVVTYGLNTFTNMEAQLIRQMEGEGVFKSIQHLTVTEEIAVKNWLVRVGRERLSRMAISGD
DCVVKPLDDRFASALTALNDMGKVRKDIQQWEPSRGWNDWTQVPFCSHHFHELIMKDGRVLVVPCRNQDELIGRARISQG
AGWSLRETACLGKSYAQMWSLMYFHRRDLRLAANAICSAVPSHWVPTSRTTWSIHATHEWMTTEDMLTVWNRVWIQENPW
MEDKTPVESWEEIPYLGKREDQWCGSLIGLTSRATWAKNIQTAINQVRSLIGNEEYTDYMPSMKRFRREEEEAGVLW
;
_entity_poly.pdbx_strand_id   A
#
# COMPACT_ATOMS: atom_id res chain seq x y z
N ASN A 10 7.87 21.77 -22.48
CA ASN A 10 6.69 21.05 -23.00
C ASN A 10 7.17 20.14 -24.15
N LEU A 11 6.77 20.42 -25.40
CA LEU A 11 6.69 19.43 -26.53
C LEU A 11 8.09 18.93 -26.91
N ASP A 12 9.13 19.70 -26.60
CA ASP A 12 10.55 19.31 -26.82
C ASP A 12 10.86 18.04 -26.02
N ILE A 13 10.25 17.84 -24.84
CA ILE A 13 10.58 16.71 -23.92
C ILE A 13 9.69 15.48 -24.18
N ILE A 14 8.44 15.70 -24.62
CA ILE A 14 7.45 14.61 -24.84
C ILE A 14 7.26 14.32 -26.34
N GLY A 15 7.56 15.29 -27.22
CA GLY A 15 7.39 15.16 -28.69
C GLY A 15 7.95 13.87 -29.25
N LYS A 16 9.23 13.59 -28.97
CA LYS A 16 9.96 12.38 -29.49
C LYS A 16 9.14 11.13 -29.18
N ARG A 17 8.72 10.97 -27.92
CA ARG A 17 7.83 9.85 -27.49
C ARG A 17 6.57 9.82 -28.34
N ILE A 18 5.95 11.00 -28.51
CA ILE A 18 4.67 11.20 -29.26
C ILE A 18 4.93 10.95 -30.75
N GLU A 19 6.03 11.47 -31.28
CA GLU A 19 6.42 11.39 -32.70
C GLU A 19 6.59 9.92 -33.11
N LYS A 20 7.03 9.07 -32.17
CA LYS A 20 7.35 7.63 -32.41
C LYS A 20 6.05 6.81 -32.46
N ILE A 21 5.12 7.06 -31.53
CA ILE A 21 3.82 6.33 -31.45
C ILE A 21 2.97 6.69 -32.68
N LYS A 22 3.03 7.97 -33.08
CA LYS A 22 2.35 8.51 -34.30
C LYS A 22 2.57 7.59 -35.52
N GLN A 23 3.81 7.16 -35.74
CA GLN A 23 4.25 6.44 -36.97
C GLN A 23 3.81 4.97 -36.89
N GLU A 24 3.93 4.33 -35.73
CA GLU A 24 3.57 2.91 -35.52
C GLU A 24 2.07 2.74 -35.73
N HIS A 25 1.37 3.85 -36.03
CA HIS A 25 -0.11 3.88 -36.26
C HIS A 25 -0.44 5.01 -37.24
N GLU A 26 0.48 5.32 -38.17
CA GLU A 26 0.36 6.42 -39.17
C GLU A 26 -0.88 6.21 -40.03
N THR A 27 -1.39 4.98 -40.09
CA THR A 27 -2.60 4.59 -40.88
C THR A 27 -3.82 4.54 -39.95
N SER A 28 -3.98 5.53 -39.06
CA SER A 28 -5.15 5.67 -38.14
C SER A 28 -5.08 7.00 -37.38
N TRP A 29 -3.95 7.70 -37.41
CA TRP A 29 -3.76 8.98 -36.69
C TRP A 29 -4.86 9.96 -37.12
N HIS A 30 -5.49 10.64 -36.14
CA HIS A 30 -6.62 11.57 -36.38
C HIS A 30 -6.83 12.46 -35.14
N TYR A 31 -6.53 13.75 -35.25
CA TYR A 31 -6.78 14.74 -34.16
C TYR A 31 -8.30 14.86 -33.95
N ASP A 32 -8.90 13.94 -33.19
CA ASP A 32 -10.35 13.87 -32.86
C ASP A 32 -10.80 15.19 -32.19
N GLN A 33 -11.88 15.79 -32.69
CA GLN A 33 -12.39 17.12 -32.25
C GLN A 33 -13.47 16.93 -31.17
N ASP A 34 -13.86 15.68 -30.90
CA ASP A 34 -14.87 15.31 -29.86
C ASP A 34 -14.17 14.59 -28.70
N HIS A 35 -12.97 15.06 -28.30
CA HIS A 35 -12.11 14.44 -27.25
C HIS A 35 -12.55 14.94 -25.87
N PRO A 36 -12.69 14.05 -24.86
CA PRO A 36 -13.25 14.44 -23.55
C PRO A 36 -12.33 15.08 -22.50
N TYR A 37 -11.17 15.62 -22.87
CA TYR A 37 -10.13 16.09 -21.91
C TYR A 37 -10.23 17.61 -21.75
N LYS A 38 -10.12 18.11 -20.52
CA LYS A 38 -9.88 19.55 -20.24
C LYS A 38 -8.49 19.78 -19.63
N THR A 39 -8.11 19.02 -18.59
CA THR A 39 -6.90 19.32 -17.77
C THR A 39 -5.70 18.53 -18.32
N TRP A 40 -5.95 17.41 -19.00
CA TRP A 40 -4.96 16.61 -19.77
C TRP A 40 -4.85 17.19 -21.19
N ALA A 41 -3.62 17.45 -21.66
CA ALA A 41 -3.31 17.82 -23.06
C ALA A 41 -3.52 16.60 -23.95
N TYR A 42 -4.31 16.75 -25.02
CA TYR A 42 -4.60 15.70 -26.05
C TYR A 42 -3.67 15.92 -27.25
N HIS A 43 -3.29 14.85 -27.93
CA HIS A 43 -2.22 14.88 -28.98
C HIS A 43 -2.66 14.14 -30.25
N GLY A 44 -3.55 13.13 -30.11
CA GLY A 44 -4.10 12.35 -31.24
C GLY A 44 -4.68 11.03 -30.78
N SER A 45 -5.29 10.28 -31.71
CA SER A 45 -5.92 8.97 -31.46
C SER A 45 -5.36 7.97 -32.46
N TYR A 46 -5.75 6.69 -32.34
CA TYR A 46 -5.43 5.56 -33.26
C TYR A 46 -6.30 4.33 -32.89
N GLU A 47 -6.59 3.48 -33.88
CA GLU A 47 -7.53 2.33 -33.78
C GLU A 47 -6.91 1.22 -32.92
N THR A 48 -7.70 0.65 -31.99
CA THR A 48 -7.28 -0.46 -31.07
C THR A 48 -8.48 -1.34 -30.75
N LYS A 49 -8.32 -2.37 -29.89
CA LYS A 49 -9.42 -3.26 -29.39
C LYS A 49 -8.88 -4.20 -28.29
N ALA A 54 -11.27 -8.00 -17.30
CA ALA A 54 -10.56 -8.29 -16.02
C ALA A 54 -11.54 -8.19 -14.85
N SER A 55 -12.30 -9.27 -14.60
CA SER A 55 -13.35 -9.38 -13.55
C SER A 55 -12.83 -10.18 -12.35
N SER A 56 -13.53 -10.10 -11.22
CA SER A 56 -13.25 -10.87 -9.98
C SER A 56 -13.89 -12.26 -10.07
N MET A 57 -13.08 -13.31 -10.11
CA MET A 57 -13.61 -14.71 -10.20
C MET A 57 -13.77 -15.24 -8.76
N VAL A 58 -14.70 -16.14 -8.51
CA VAL A 58 -14.84 -16.69 -7.13
C VAL A 58 -13.87 -17.85 -6.90
N ASN A 59 -13.32 -17.90 -5.69
CA ASN A 59 -12.51 -19.01 -5.16
C ASN A 59 -13.43 -20.06 -4.54
N GLY A 60 -13.67 -21.13 -5.28
CA GLY A 60 -14.63 -22.17 -4.90
C GLY A 60 -14.26 -22.92 -3.64
N VAL A 61 -12.97 -23.05 -3.36
CA VAL A 61 -12.55 -23.76 -2.16
C VAL A 61 -12.94 -22.92 -0.93
N VAL A 62 -12.64 -21.60 -0.89
CA VAL A 62 -13.02 -20.73 0.26
C VAL A 62 -14.55 -20.60 0.36
N ARG A 63 -15.27 -20.51 -0.76
CA ARG A 63 -16.73 -20.32 -0.70
C ARG A 63 -17.41 -21.58 -0.19
N LEU A 64 -17.03 -22.80 -0.64
CA LEU A 64 -17.65 -24.03 -0.07
C LEU A 64 -17.39 -24.17 1.42
N LEU A 65 -16.34 -23.55 1.96
CA LEU A 65 -16.05 -23.68 3.42
C LEU A 65 -16.53 -22.47 4.24
N THR A 66 -17.31 -21.57 3.66
CA THR A 66 -17.88 -20.40 4.35
C THR A 66 -19.35 -20.26 3.86
N LYS A 67 -20.09 -21.33 3.91
CA LYS A 67 -21.52 -21.34 3.49
C LYS A 67 -22.41 -20.27 4.16
N PRO A 68 -22.39 -20.04 5.48
CA PRO A 68 -23.26 -19.06 6.12
C PRO A 68 -23.21 -17.70 5.43
N TRP A 69 -22.04 -17.34 4.85
CA TRP A 69 -21.83 -16.04 4.17
C TRP A 69 -22.45 -15.97 2.78
N ASP A 70 -22.96 -17.08 2.25
CA ASP A 70 -23.60 -17.09 0.90
C ASP A 70 -24.85 -16.19 0.83
N ILE A 71 -25.45 -15.83 1.97
CA ILE A 71 -26.74 -15.12 2.07
C ILE A 71 -26.47 -13.73 2.71
N ILE A 72 -25.20 -13.33 2.81
CA ILE A 72 -24.82 -12.02 3.38
C ILE A 72 -24.37 -11.12 2.24
N PRO A 73 -25.24 -10.15 1.83
CA PRO A 73 -24.96 -9.29 0.67
C PRO A 73 -23.62 -8.55 0.72
N MET A 74 -23.21 -8.08 1.89
CA MET A 74 -21.90 -7.38 2.00
C MET A 74 -20.73 -8.28 1.54
N VAL A 75 -20.82 -9.60 1.72
CA VAL A 75 -19.83 -10.60 1.21
C VAL A 75 -20.11 -10.87 -0.25
N THR A 76 -21.32 -11.21 -0.62
CA THR A 76 -21.61 -11.75 -1.99
C THR A 76 -21.54 -10.66 -3.05
N GLN A 77 -21.77 -9.42 -2.65
CA GLN A 77 -21.76 -8.30 -3.64
C GLN A 77 -20.34 -7.91 -3.98
N MET A 78 -19.38 -8.23 -3.11
CA MET A 78 -17.97 -7.87 -3.38
C MET A 78 -17.44 -8.60 -4.59
N ALA A 79 -17.95 -9.80 -4.95
CA ALA A 79 -17.47 -10.52 -6.16
C ALA A 79 -18.16 -10.06 -7.45
N MET A 80 -19.17 -9.17 -7.40
CA MET A 80 -19.95 -8.80 -8.62
C MET A 80 -19.32 -7.58 -9.32
N THR A 81 -19.65 -7.35 -10.60
CA THR A 81 -19.42 -6.06 -11.31
C THR A 81 -18.75 -6.23 -12.66
N LYS A 93 -12.43 9.66 -15.60
CA LYS A 93 -13.07 9.74 -14.25
C LYS A 93 -13.25 11.21 -13.86
N GLU A 94 -14.13 11.47 -12.89
CA GLU A 94 -14.32 12.80 -12.22
C GLU A 94 -12.96 13.36 -11.79
N LYS A 95 -12.21 12.59 -11.00
CA LYS A 95 -11.07 13.06 -10.17
C LYS A 95 -9.77 13.16 -10.98
N VAL A 96 -9.51 12.21 -11.88
CA VAL A 96 -8.25 12.13 -12.68
C VAL A 96 -8.13 13.38 -13.58
N ASP A 97 -9.26 13.85 -14.14
CA ASP A 97 -9.32 14.99 -15.09
C ASP A 97 -9.72 16.27 -14.34
N THR A 98 -9.09 16.54 -13.18
CA THR A 98 -9.21 17.82 -12.42
C THR A 98 -7.84 18.50 -12.35
N ARG A 99 -7.81 19.74 -11.85
CA ARG A 99 -6.57 20.58 -11.81
C ARG A 99 -6.40 21.14 -10.38
N THR A 100 -5.15 21.14 -9.87
CA THR A 100 -4.78 21.71 -8.55
C THR A 100 -4.11 23.07 -8.74
N GLN A 101 -4.44 24.03 -7.88
CA GLN A 101 -3.93 25.41 -7.96
C GLN A 101 -2.50 25.46 -7.39
N GLU A 102 -1.70 26.40 -7.89
CA GLU A 102 -0.35 26.74 -7.37
C GLU A 102 -0.47 27.20 -5.93
N PRO A 103 0.30 26.61 -5.00
CA PRO A 103 0.34 27.10 -3.62
C PRO A 103 0.87 28.53 -3.62
N LYS A 104 0.63 29.28 -2.55
CA LYS A 104 1.19 30.64 -2.29
C LYS A 104 2.69 30.52 -1.98
N GLU A 105 3.40 31.63 -1.90
CA GLU A 105 4.88 31.65 -1.80
C GLU A 105 5.30 31.20 -0.39
N GLY A 106 4.52 31.56 0.64
CA GLY A 106 4.76 31.09 2.02
C GLY A 106 4.67 29.55 2.09
N THR A 107 3.66 28.97 1.46
CA THR A 107 3.45 27.49 1.40
C THR A 107 4.63 26.84 0.66
N LYS A 108 4.95 27.33 -0.55
CA LYS A 108 6.10 26.88 -1.39
C LYS A 108 7.44 26.94 -0.64
N LYS A 109 7.68 27.99 0.13
CA LYS A 109 8.85 28.11 1.02
C LYS A 109 8.82 27.08 2.17
N LEU A 110 7.65 26.86 2.82
CA LEU A 110 7.48 25.92 3.98
C LEU A 110 7.86 24.50 3.50
N MET A 111 7.36 24.15 2.33
CA MET A 111 7.60 22.84 1.68
C MET A 111 9.10 22.66 1.34
N LYS A 112 9.76 23.67 0.76
CA LYS A 112 11.14 23.54 0.24
C LYS A 112 12.07 23.39 1.43
N ILE A 113 11.94 24.26 2.42
CA ILE A 113 12.70 24.12 3.68
C ILE A 113 12.44 22.74 4.29
N THR A 114 11.18 22.30 4.36
CA THR A 114 10.86 21.04 5.10
C THR A 114 11.43 19.83 4.34
N ALA A 115 11.26 19.80 3.02
CA ALA A 115 11.77 18.73 2.13
C ALA A 115 13.30 18.64 2.22
N GLU A 116 13.98 19.79 2.15
CA GLU A 116 15.46 19.83 2.17
C GLU A 116 15.89 19.13 3.45
N TRP A 117 15.36 19.56 4.59
CA TRP A 117 15.67 19.02 5.92
C TRP A 117 15.31 17.52 5.96
N LEU A 118 14.23 17.09 5.30
CA LEU A 118 13.74 15.69 5.50
C LEU A 118 14.65 14.72 4.72
N TRP A 119 15.01 15.03 3.47
CA TRP A 119 15.98 14.22 2.68
C TRP A 119 17.31 14.07 3.43
N LYS A 120 17.80 15.13 4.10
CA LYS A 120 19.03 15.03 4.91
C LYS A 120 18.83 14.12 6.09
N GLU A 121 17.74 14.23 6.85
CA GLU A 121 17.52 13.27 7.94
C GLU A 121 17.45 11.85 7.39
N LEU A 122 16.76 11.65 6.27
CA LEU A 122 16.51 10.26 5.79
C LEU A 122 17.86 9.70 5.32
N GLY A 123 18.74 10.60 4.84
CA GLY A 123 20.03 10.28 4.22
C GLY A 123 21.17 10.18 5.21
N LYS A 124 20.99 10.54 6.48
CA LYS A 124 22.09 10.55 7.49
C LYS A 124 22.72 9.15 7.67
N LYS A 125 21.92 8.08 7.71
CA LYS A 125 22.43 6.70 7.91
C LYS A 125 22.16 5.82 6.68
N LYS A 126 21.98 6.40 5.50
CA LYS A 126 21.73 5.60 4.29
C LYS A 126 22.55 6.19 3.18
N THR A 127 22.90 5.36 2.20
CA THR A 127 23.65 5.79 0.99
C THR A 127 22.83 5.50 -0.23
N PRO A 128 22.44 6.52 -1.00
CA PRO A 128 21.77 6.29 -2.26
C PRO A 128 22.69 5.44 -3.16
N ARG A 129 22.13 4.60 -4.01
CA ARG A 129 22.92 3.67 -4.87
C ARG A 129 22.02 3.19 -5.99
N MET A 130 22.59 2.77 -7.12
CA MET A 130 21.83 2.20 -8.24
C MET A 130 21.45 0.76 -7.89
N CYS A 131 20.22 0.37 -8.23
CA CYS A 131 19.80 -1.04 -8.26
C CYS A 131 20.17 -1.65 -9.63
N THR A 132 20.34 -2.97 -9.69
CA THR A 132 21.12 -3.64 -10.77
C THR A 132 20.22 -4.59 -11.57
N ARG A 133 20.63 -4.84 -12.80
CA ARG A 133 20.00 -5.86 -13.69
C ARG A 133 19.84 -7.14 -12.89
N GLU A 134 20.88 -7.49 -12.12
CA GLU A 134 20.90 -8.73 -11.33
C GLU A 134 19.71 -8.65 -10.37
N GLU A 135 19.64 -7.62 -9.52
CA GLU A 135 18.53 -7.45 -8.53
C GLU A 135 17.18 -7.45 -9.24
N PHE A 136 17.07 -6.70 -10.35
CA PHE A 136 15.81 -6.57 -11.13
C PHE A 136 15.37 -7.96 -11.63
N THR A 137 16.32 -8.73 -12.17
CA THR A 137 16.08 -10.12 -12.66
C THR A 137 15.56 -10.97 -11.50
N ARG A 138 16.20 -10.91 -10.36
CA ARG A 138 15.78 -11.76 -9.20
C ARG A 138 14.32 -11.46 -8.82
N LYS A 139 13.90 -10.18 -8.90
CA LYS A 139 12.53 -9.75 -8.51
C LYS A 139 11.51 -10.32 -9.49
N VAL A 140 11.80 -10.29 -10.80
CA VAL A 140 10.87 -10.81 -11.85
C VAL A 140 10.64 -12.32 -11.69
N ARG A 141 11.66 -13.04 -11.21
CA ARG A 141 11.60 -14.50 -10.88
C ARG A 141 10.62 -14.73 -9.74
N SER A 142 10.63 -13.84 -8.73
CA SER A 142 9.84 -14.03 -7.49
C SER A 142 8.40 -13.54 -7.60
N ASN A 143 7.96 -13.08 -8.78
CA ASN A 143 6.54 -12.73 -8.96
C ASN A 143 6.21 -11.39 -8.32
N ALA A 144 7.21 -10.50 -8.18
CA ALA A 144 6.91 -9.15 -7.69
C ALA A 144 6.03 -8.45 -8.72
N ALA A 145 5.16 -7.55 -8.27
CA ALA A 145 4.36 -6.77 -9.24
C ALA A 145 5.26 -5.67 -9.80
N LEU A 146 5.68 -5.79 -11.06
CA LEU A 146 6.62 -4.79 -11.65
C LEU A 146 6.07 -4.30 -12.99
N TRP A 156 8.20 -10.67 -26.70
CA TRP A 156 8.33 -11.34 -25.38
C TRP A 156 6.95 -11.44 -24.71
N LYS A 157 6.58 -12.64 -24.24
CA LYS A 157 5.31 -12.91 -23.51
C LYS A 157 5.40 -12.24 -22.13
N SER A 158 6.03 -12.91 -21.16
CA SER A 158 6.18 -12.48 -19.75
C SER A 158 7.50 -11.72 -19.59
N ALA A 159 7.73 -11.13 -18.41
CA ALA A 159 8.98 -10.44 -18.02
C ALA A 159 10.10 -11.45 -17.93
N ARG A 160 9.83 -12.61 -17.32
CA ARG A 160 10.86 -13.68 -17.19
C ARG A 160 11.59 -13.83 -18.53
N GLU A 161 10.85 -13.93 -19.64
CA GLU A 161 11.47 -14.18 -20.97
C GLU A 161 12.35 -12.99 -21.36
N ALA A 162 11.83 -11.76 -21.27
CA ALA A 162 12.58 -10.57 -21.74
C ALA A 162 13.90 -10.48 -20.97
N VAL A 163 13.88 -10.77 -19.67
CA VAL A 163 15.09 -10.65 -18.81
C VAL A 163 16.14 -11.66 -19.29
N GLU A 164 15.70 -12.86 -19.66
CA GLU A 164 16.63 -13.90 -20.19
C GLU A 164 17.20 -13.43 -21.52
N ASP A 165 16.37 -12.79 -22.36
CA ASP A 165 16.81 -12.33 -23.70
C ASP A 165 17.83 -11.21 -23.56
N SER A 166 18.55 -10.88 -24.64
CA SER A 166 19.63 -9.88 -24.53
C SER A 166 19.32 -8.66 -25.40
N GLY A 167 18.46 -8.81 -26.40
CA GLY A 167 18.05 -7.64 -27.19
C GLY A 167 17.34 -6.65 -26.31
N PHE A 168 16.53 -7.15 -25.38
CA PHE A 168 15.84 -6.27 -24.41
C PHE A 168 16.87 -5.34 -23.80
N TRP A 169 17.92 -5.93 -23.25
CA TRP A 169 18.95 -5.11 -22.55
C TRP A 169 19.60 -4.13 -23.53
N GLU A 170 19.69 -4.49 -24.81
CA GLU A 170 20.21 -3.52 -25.81
C GLU A 170 19.22 -2.36 -25.91
N LEU A 171 17.92 -2.68 -26.00
CA LEU A 171 16.86 -1.64 -26.04
C LEU A 171 16.98 -0.76 -24.78
N VAL A 172 17.09 -1.41 -23.61
CA VAL A 172 17.31 -0.74 -22.29
C VAL A 172 18.48 0.23 -22.43
N ASP A 173 19.62 -0.27 -22.93
CA ASP A 173 20.88 0.51 -23.08
C ASP A 173 20.63 1.75 -23.93
N LYS A 174 19.92 1.60 -25.05
CA LYS A 174 19.62 2.72 -25.99
C LYS A 174 18.92 3.85 -25.22
N GLU A 175 17.78 3.53 -24.57
CA GLU A 175 16.99 4.47 -23.73
C GLU A 175 17.88 5.08 -22.64
N ARG A 176 18.64 4.24 -21.94
CA ARG A 176 19.53 4.64 -20.82
C ARG A 176 20.49 5.75 -21.29
N ASN A 177 21.16 5.53 -22.43
CA ASN A 177 22.10 6.52 -23.04
C ASN A 177 21.31 7.75 -23.50
N LEU A 178 20.08 7.56 -23.99
CA LEU A 178 19.16 8.67 -24.35
C LEU A 178 18.83 9.50 -23.10
N HIS A 179 18.58 8.86 -21.95
CA HIS A 179 18.32 9.54 -20.65
C HIS A 179 19.58 10.31 -20.20
N LEU A 180 20.77 9.75 -20.41
CA LEU A 180 22.06 10.45 -20.07
C LEU A 180 22.23 11.68 -20.98
N GLU A 181 21.60 11.69 -22.16
CA GLU A 181 21.56 12.80 -23.15
C GLU A 181 20.46 13.83 -22.78
N GLY A 182 19.50 13.44 -21.93
CA GLY A 182 18.37 14.27 -21.46
C GLY A 182 17.13 14.18 -22.36
N LYS A 183 16.95 13.03 -23.02
CA LYS A 183 15.86 12.76 -23.99
C LYS A 183 15.22 11.41 -23.66
N CYS A 184 13.96 11.20 -24.06
CA CYS A 184 13.21 9.94 -23.78
C CYS A 184 12.49 9.53 -25.06
N GLU A 185 12.38 8.23 -25.32
CA GLU A 185 11.73 7.71 -26.55
C GLU A 185 10.60 6.74 -26.21
N THR A 186 10.72 5.91 -25.18
CA THR A 186 9.82 4.75 -24.98
C THR A 186 9.25 4.68 -23.57
N CYS A 187 9.54 5.64 -22.68
CA CYS A 187 8.99 5.68 -21.28
C CYS A 187 7.60 6.35 -21.31
N VAL A 188 6.58 5.57 -21.70
CA VAL A 188 5.15 5.99 -21.90
C VAL A 188 4.23 5.20 -20.94
N TYR A 189 3.35 5.89 -20.24
CA TYR A 189 2.38 5.26 -19.30
C TYR A 189 1.19 4.69 -20.07
N ASN A 190 0.56 3.66 -19.50
CA ASN A 190 -0.74 3.06 -19.94
C ASN A 190 -1.74 3.05 -18.78
N MET A 191 -2.86 3.76 -18.90
CA MET A 191 -3.87 3.96 -17.81
C MET A 191 -4.84 2.77 -17.79
N MET A 192 -5.28 2.34 -16.60
CA MET A 192 -6.26 1.22 -16.38
C MET A 192 -6.75 1.20 -14.93
N ALA A 210 -5.98 4.03 -10.01
CA ALA A 210 -5.46 4.27 -11.39
C ALA A 210 -4.02 3.77 -11.46
N ILE A 211 -3.75 2.74 -12.28
CA ILE A 211 -2.46 2.01 -12.33
C ILE A 211 -1.79 2.26 -13.69
N TRP A 212 -0.52 2.62 -13.65
CA TRP A 212 0.22 3.25 -14.77
C TRP A 212 1.23 2.25 -15.32
N TYR A 213 0.78 1.14 -15.90
CA TYR A 213 1.64 0.09 -16.52
C TYR A 213 2.56 0.75 -17.57
N MET A 214 3.85 0.42 -17.53
CA MET A 214 4.83 0.76 -18.60
C MET A 214 5.36 -0.55 -19.16
N TRP A 215 6.16 -0.49 -20.23
CA TRP A 215 6.96 -1.66 -20.69
C TRP A 215 8.13 -1.93 -19.72
N LEU A 216 8.47 -3.20 -19.53
CA LEU A 216 9.50 -3.68 -18.58
C LEU A 216 10.77 -2.83 -18.64
N GLY A 217 11.19 -2.38 -19.82
CA GLY A 217 12.42 -1.57 -19.98
C GLY A 217 12.36 -0.28 -19.20
N ALA A 218 11.24 0.44 -19.32
CA ALA A 218 11.00 1.70 -18.57
C ALA A 218 11.00 1.43 -17.07
N ARG A 219 10.47 0.27 -16.65
CA ARG A 219 10.39 -0.12 -15.21
C ARG A 219 11.79 -0.35 -14.65
N PHE A 220 12.70 -0.96 -15.42
CA PHE A 220 14.11 -1.19 -15.00
C PHE A 220 14.79 0.15 -14.77
N LEU A 221 14.61 1.10 -15.69
CA LEU A 221 15.23 2.45 -15.65
C LEU A 221 14.69 3.21 -14.42
N GLU A 222 13.40 3.02 -14.10
CA GLU A 222 12.78 3.52 -12.85
C GLU A 222 13.46 2.82 -11.67
N PHE A 223 13.51 1.49 -11.70
CA PHE A 223 14.09 0.60 -10.63
C PHE A 223 15.58 0.90 -10.44
N GLU A 224 16.31 1.15 -11.53
CA GLU A 224 17.78 1.40 -11.53
C GLU A 224 18.10 2.52 -10.53
N ALA A 225 17.42 3.67 -10.69
CA ALA A 225 17.81 4.95 -10.05
C ALA A 225 17.08 5.14 -8.71
N LEU A 226 15.85 4.63 -8.57
CA LEU A 226 14.94 5.01 -7.45
C LEU A 226 14.58 3.81 -6.57
N GLY A 227 14.96 2.58 -6.98
CA GLY A 227 14.65 1.35 -6.23
C GLY A 227 15.28 1.29 -4.86
N PHE A 228 16.38 2.04 -4.67
CA PHE A 228 17.08 2.08 -3.37
C PHE A 228 16.15 2.53 -2.24
N LEU A 229 15.20 3.43 -2.52
CA LEU A 229 14.24 3.94 -1.50
C LEU A 229 13.56 2.76 -0.79
N ASN A 230 13.06 1.83 -1.57
CA ASN A 230 12.39 0.62 -1.04
C ASN A 230 13.38 -0.50 -0.68
N GLU A 231 14.31 -0.84 -1.58
CA GLU A 231 15.24 -1.98 -1.38
C GLU A 231 16.12 -1.73 -0.15
N ASP A 232 16.44 -0.47 0.17
CA ASP A 232 17.30 -0.14 1.36
C ASP A 232 16.47 0.52 2.48
N HIS A 233 15.15 0.40 2.44
CA HIS A 233 14.27 0.67 3.62
C HIS A 233 14.43 2.10 4.14
N TRP A 234 14.42 3.08 3.26
CA TRP A 234 14.48 4.52 3.64
C TRP A 234 13.26 4.90 4.51
N PHE A 235 12.10 4.26 4.32
CA PHE A 235 10.88 4.57 5.10
C PHE A 235 10.62 3.52 6.18
N SER A 236 11.63 2.77 6.64
CA SER A 236 11.50 1.92 7.83
C SER A 236 11.17 2.85 8.99
N ARG A 237 10.61 2.33 10.08
CA ARG A 237 10.42 3.18 11.26
C ARG A 237 11.77 3.62 11.83
N GLU A 238 12.75 2.71 11.96
CA GLU A 238 14.10 3.01 12.54
C GLU A 238 14.73 4.18 11.77
N ASN A 239 14.62 4.21 10.47
CA ASN A 239 15.27 5.25 9.65
C ASN A 239 14.46 6.56 9.54
N SER A 240 13.14 6.53 9.25
CA SER A 240 12.32 7.75 8.96
C SER A 240 11.51 8.27 10.19
N LEU A 241 11.39 7.48 11.28
CA LEU A 241 10.70 7.74 12.56
C LEU A 241 9.16 7.77 12.42
N SER A 242 8.63 8.26 11.30
CA SER A 242 7.16 8.31 11.03
C SER A 242 6.73 7.06 10.28
N GLY A 243 7.60 6.57 9.41
CA GLY A 243 7.33 5.47 8.45
C GLY A 243 7.08 4.14 9.15
N VAL A 244 6.54 3.21 8.39
CA VAL A 244 6.26 1.84 8.85
C VAL A 244 6.61 0.88 7.69
N GLU A 245 7.45 1.25 6.73
CA GLU A 245 7.78 0.32 5.61
C GLU A 245 8.46 -0.94 6.14
N GLY A 246 7.95 -2.11 5.73
CA GLY A 246 8.45 -3.42 6.20
C GLY A 246 7.98 -3.86 7.59
N GLU A 247 7.14 -3.07 8.28
CA GLU A 247 6.91 -3.28 9.74
C GLU A 247 5.94 -4.45 9.95
N GLY A 248 4.92 -4.64 9.10
CA GLY A 248 4.01 -5.80 9.20
C GLY A 248 2.76 -5.49 10.03
N LEU A 249 1.64 -6.14 9.68
CA LEU A 249 0.30 -5.81 10.22
C LEU A 249 0.24 -6.18 11.71
N HIS A 250 1.05 -7.14 12.15
CA HIS A 250 1.20 -7.55 13.58
C HIS A 250 2.03 -6.54 14.38
N LYS A 251 2.63 -5.53 13.73
CA LYS A 251 3.43 -4.48 14.43
C LYS A 251 2.72 -3.11 14.43
N LEU A 252 1.73 -2.90 13.56
CA LEU A 252 1.14 -1.55 13.41
C LEU A 252 0.38 -1.15 14.69
N GLY A 253 -0.30 -2.10 15.34
CA GLY A 253 -1.05 -1.80 16.56
C GLY A 253 -0.13 -1.36 17.68
N TYR A 254 0.98 -2.08 17.88
CA TYR A 254 1.99 -1.75 18.90
C TYR A 254 2.57 -0.36 18.58
N ILE A 255 2.82 -0.07 17.34
CA ILE A 255 3.30 1.27 16.93
C ILE A 255 2.27 2.36 17.30
N LEU A 256 0.97 2.21 16.95
CA LEU A 256 -0.06 3.18 17.33
C LEU A 256 -0.11 3.33 18.86
N ARG A 257 0.02 2.25 19.63
CA ARG A 257 -0.07 2.32 21.12
C ARG A 257 1.16 3.10 21.61
N ASP A 258 2.33 2.93 20.98
CA ASP A 258 3.55 3.69 21.40
C ASP A 258 3.33 5.21 21.11
N VAL A 259 2.75 5.58 19.98
CA VAL A 259 2.42 6.99 19.69
C VAL A 259 1.46 7.51 20.78
N SER A 260 0.48 6.71 21.24
CA SER A 260 -0.55 7.09 22.22
C SER A 260 0.11 7.45 23.55
N LYS A 261 1.29 6.91 23.83
CA LYS A 261 2.02 7.10 25.12
C LYS A 261 2.58 8.52 25.24
N LYS A 262 2.77 9.19 24.12
CA LYS A 262 3.24 10.60 24.07
C LYS A 262 2.22 11.52 24.73
N GLU A 263 2.69 12.50 25.47
CA GLU A 263 1.83 13.64 25.91
C GLU A 263 1.33 14.35 24.65
N GLY A 264 0.06 14.72 24.62
CA GLY A 264 -0.44 15.58 23.55
C GLY A 264 -1.93 15.54 23.43
N GLY A 265 -2.47 15.92 22.29
CA GLY A 265 -3.92 15.99 22.09
C GLY A 265 -4.51 14.68 21.55
N ALA A 266 -5.66 14.78 20.90
CA ALA A 266 -6.33 13.65 20.23
C ALA A 266 -5.36 13.01 19.22
N MET A 267 -5.65 11.80 18.76
CA MET A 267 -5.00 11.23 17.56
C MET A 267 -5.86 11.59 16.35
N TYR A 268 -5.26 12.16 15.31
CA TYR A 268 -5.94 12.59 14.07
C TYR A 268 -5.54 11.63 12.97
N ALA A 269 -6.53 11.25 12.21
CA ALA A 269 -6.36 10.29 11.10
C ALA A 269 -7.19 10.80 9.95
N ASP A 270 -6.82 11.93 9.34
CA ASP A 270 -7.65 12.50 8.25
C ASP A 270 -7.21 11.86 6.94
N ASP A 271 -8.13 11.31 6.16
CA ASP A 271 -7.86 10.83 4.78
C ASP A 271 -7.87 12.02 3.83
N THR A 272 -6.98 12.03 2.83
CA THR A 272 -6.99 12.97 1.70
C THR A 272 -7.91 12.38 0.66
N ALA A 273 -8.71 13.22 0.01
CA ALA A 273 -9.55 12.85 -1.14
C ALA A 273 -8.64 12.79 -2.37
N GLY A 274 -8.44 11.59 -2.94
CA GLY A 274 -7.68 11.34 -4.18
C GLY A 274 -6.26 11.86 -4.11
N TRP A 275 -5.49 11.38 -3.13
CA TRP A 275 -4.11 11.88 -2.84
C TRP A 275 -3.27 12.01 -4.13
N ASP A 276 -3.29 11.01 -4.99
CA ASP A 276 -2.40 10.89 -6.20
C ASP A 276 -2.72 12.04 -7.18
N THR A 277 -4.00 12.41 -7.28
CA THR A 277 -4.45 13.52 -8.15
C THR A 277 -4.12 14.89 -7.55
N ARG A 278 -3.74 15.00 -6.26
CA ARG A 278 -3.45 16.31 -5.59
C ARG A 278 -1.96 16.55 -5.46
N ILE A 279 -1.13 15.73 -6.11
CA ILE A 279 0.34 15.93 -6.12
C ILE A 279 0.62 17.05 -7.13
N THR A 280 1.15 18.19 -6.65
CA THR A 280 1.43 19.40 -7.47
C THR A 280 2.83 19.30 -8.07
N LEU A 281 3.17 20.21 -8.99
CA LEU A 281 4.50 20.12 -9.64
C LEU A 281 5.50 20.58 -8.59
N GLU A 282 5.07 21.38 -7.61
CA GLU A 282 5.96 21.83 -6.49
C GLU A 282 6.33 20.63 -5.60
N ASP A 283 5.36 19.75 -5.34
CA ASP A 283 5.63 18.43 -4.68
C ASP A 283 6.69 17.61 -5.47
N LEU A 284 6.49 17.39 -6.77
CA LEU A 284 7.46 16.62 -7.63
C LEU A 284 8.88 17.22 -7.59
N LYS A 285 9.01 18.55 -7.47
CA LYS A 285 10.30 19.29 -7.39
C LYS A 285 10.90 19.11 -6.01
N ASN A 286 10.11 19.06 -4.94
CA ASN A 286 10.71 18.75 -3.61
C ASN A 286 11.12 17.27 -3.57
N GLU A 287 10.36 16.37 -4.19
CA GLU A 287 10.71 14.91 -4.29
C GLU A 287 12.04 14.74 -5.07
N GLU A 288 12.20 15.47 -6.17
CA GLU A 288 13.43 15.47 -7.03
C GLU A 288 14.67 15.82 -6.22
N MET A 289 14.55 16.55 -5.11
CA MET A 289 15.74 16.96 -4.32
C MET A 289 16.44 15.75 -3.70
N VAL A 290 15.87 14.54 -3.76
CA VAL A 290 16.66 13.35 -3.29
C VAL A 290 17.96 13.26 -4.13
N THR A 291 17.91 13.60 -5.42
CA THR A 291 19.12 13.62 -6.33
C THR A 291 20.27 14.50 -5.83
N ASN A 292 20.01 15.51 -5.00
CA ASN A 292 21.06 16.38 -4.40
C ASN A 292 22.02 15.52 -3.58
N HIS A 293 21.63 14.31 -3.20
CA HIS A 293 22.41 13.44 -2.28
C HIS A 293 23.14 12.34 -3.06
N MET A 294 22.99 12.32 -4.37
CA MET A 294 23.52 11.28 -5.28
C MET A 294 24.80 11.80 -5.97
N GLU A 295 25.40 11.01 -6.85
CA GLU A 295 26.64 11.38 -7.57
C GLU A 295 26.83 10.50 -8.79
N GLY A 296 27.70 10.96 -9.70
CA GLY A 296 28.10 10.27 -10.93
C GLY A 296 26.90 10.03 -11.83
N GLU A 297 26.91 8.88 -12.48
CA GLU A 297 25.86 8.36 -13.37
C GLU A 297 24.51 8.40 -12.61
N HIS A 298 24.48 7.88 -11.38
CA HIS A 298 23.22 7.64 -10.62
C HIS A 298 22.47 8.98 -10.56
N LYS A 299 23.14 10.07 -10.19
CA LYS A 299 22.52 11.41 -10.12
C LYS A 299 21.89 11.72 -11.46
N LYS A 300 22.65 11.51 -12.54
CA LYS A 300 22.20 11.88 -13.90
C LYS A 300 20.94 11.08 -14.23
N LEU A 301 21.01 9.77 -14.06
CA LEU A 301 19.91 8.81 -14.34
C LEU A 301 18.65 9.15 -13.48
N ALA A 302 18.81 9.44 -12.17
CA ALA A 302 17.69 9.81 -11.26
C ALA A 302 17.04 11.10 -11.78
N GLU A 303 17.86 12.10 -12.11
CA GLU A 303 17.41 13.42 -12.64
C GLU A 303 16.57 13.22 -13.89
N ALA A 304 16.91 12.27 -14.74
CA ALA A 304 16.18 12.00 -15.99
C ALA A 304 14.82 11.36 -15.67
N ILE A 305 14.75 10.46 -14.69
CA ILE A 305 13.45 9.85 -14.32
C ILE A 305 12.50 10.98 -13.90
N PHE A 306 12.93 11.83 -12.97
CA PHE A 306 12.12 12.92 -12.39
C PHE A 306 11.69 13.87 -13.51
N LYS A 307 12.64 14.41 -14.30
CA LYS A 307 12.38 15.40 -15.40
C LYS A 307 11.50 14.79 -16.49
N LEU A 308 11.86 13.62 -17.03
CA LEU A 308 11.32 13.14 -18.32
C LEU A 308 10.07 12.29 -18.14
N THR A 309 9.93 11.60 -17.01
CA THR A 309 8.81 10.63 -16.81
C THR A 309 7.87 11.08 -15.70
N TYR A 310 8.31 11.84 -14.69
CA TYR A 310 7.45 12.22 -13.54
C TYR A 310 6.93 13.66 -13.73
N GLN A 311 7.83 14.62 -13.98
CA GLN A 311 7.48 16.06 -14.14
C GLN A 311 7.02 16.38 -15.57
N ASN A 312 7.11 15.41 -16.49
CA ASN A 312 6.47 15.37 -17.84
C ASN A 312 6.03 13.93 -18.08
N LYS A 313 4.81 13.69 -18.53
CA LYS A 313 4.22 12.34 -18.63
C LYS A 313 3.53 12.19 -19.98
N VAL A 314 3.56 11.00 -20.55
CA VAL A 314 2.86 10.65 -21.80
C VAL A 314 2.09 9.38 -21.51
N VAL A 315 0.80 9.38 -21.81
CA VAL A 315 -0.08 8.25 -21.39
C VAL A 315 -0.98 7.84 -22.55
N ARG A 316 -1.33 6.57 -22.59
CA ARG A 316 -2.25 6.01 -23.62
C ARG A 316 -3.47 5.43 -22.90
N VAL A 317 -4.68 5.86 -23.30
CA VAL A 317 -5.95 5.58 -22.58
C VAL A 317 -6.96 4.91 -23.51
N GLN A 318 -7.60 3.82 -23.07
CA GLN A 318 -8.75 3.15 -23.75
C GLN A 318 -10.01 4.00 -23.64
N ARG A 319 -10.47 4.61 -24.74
CA ARG A 319 -11.79 5.30 -24.83
C ARG A 319 -12.73 4.51 -25.74
N PRO A 320 -13.97 4.15 -25.31
CA PRO A 320 -14.84 3.26 -26.10
C PRO A 320 -15.39 3.84 -27.42
N THR A 321 -15.54 5.16 -27.51
CA THR A 321 -16.07 5.90 -28.69
C THR A 321 -15.33 5.47 -29.97
N THR A 325 -13.47 2.16 -30.58
CA THR A 325 -12.37 2.26 -29.57
C THR A 325 -11.14 2.90 -30.20
N VAL A 326 -10.76 4.09 -29.71
CA VAL A 326 -9.51 4.81 -30.11
C VAL A 326 -8.61 4.96 -28.88
N MET A 327 -7.30 5.13 -29.11
CA MET A 327 -6.26 5.29 -28.06
C MET A 327 -5.81 6.76 -28.03
N ASP A 328 -6.02 7.45 -26.91
CA ASP A 328 -5.70 8.90 -26.75
C ASP A 328 -4.30 9.04 -26.14
N ILE A 329 -3.37 9.58 -26.92
CA ILE A 329 -2.01 9.95 -26.46
C ILE A 329 -2.11 11.31 -25.77
N ILE A 330 -2.22 11.30 -24.44
CA ILE A 330 -2.42 12.53 -23.63
C ILE A 330 -1.17 12.78 -22.81
N SER A 331 -0.89 14.04 -22.47
CA SER A 331 0.22 14.44 -21.60
C SER A 331 -0.29 15.33 -20.47
N ARG A 332 0.52 15.49 -19.42
CA ARG A 332 0.34 16.47 -18.31
C ARG A 332 1.59 16.41 -17.48
N ARG A 333 1.82 17.43 -16.65
CA ARG A 333 3.05 17.55 -15.82
C ARG A 333 2.78 17.01 -14.40
N ASP A 334 1.74 17.52 -13.73
CA ASP A 334 1.46 17.28 -12.28
C ASP A 334 0.83 15.89 -12.05
N GLN A 335 0.54 15.57 -10.79
CA GLN A 335 -0.13 14.33 -10.30
C GLN A 335 0.90 13.18 -10.19
N ARG A 336 0.56 12.15 -9.42
CA ARG A 336 1.39 10.95 -9.24
C ARG A 336 1.09 9.98 -10.37
N GLY A 337 2.12 9.48 -11.06
CA GLY A 337 1.92 8.51 -12.17
C GLY A 337 2.97 7.43 -12.25
N SER A 338 3.82 7.31 -11.21
CA SER A 338 5.02 6.44 -11.19
C SER A 338 4.62 4.99 -10.93
N GLY A 339 5.62 4.09 -10.89
CA GLY A 339 5.45 2.71 -10.42
C GLY A 339 4.95 2.69 -8.98
N GLN A 340 4.33 1.58 -8.55
CA GLN A 340 3.63 1.47 -7.26
C GLN A 340 4.60 1.69 -6.10
N VAL A 341 5.78 1.07 -6.13
CA VAL A 341 6.78 1.07 -5.02
C VAL A 341 7.35 2.49 -4.88
N VAL A 342 7.75 3.13 -5.97
CA VAL A 342 8.24 4.55 -5.94
C VAL A 342 7.08 5.44 -5.51
N THR A 343 5.87 5.16 -5.99
CA THR A 343 4.65 5.91 -5.55
C THR A 343 4.49 5.77 -4.03
N TYR A 344 4.62 4.56 -3.47
CA TYR A 344 4.49 4.36 -2.02
C TYR A 344 5.53 5.23 -1.29
N GLY A 345 6.81 5.19 -1.69
CA GLY A 345 7.87 5.88 -0.91
C GLY A 345 7.76 7.41 -1.04
N LEU A 346 7.45 7.91 -2.22
CA LEU A 346 7.35 9.37 -2.44
C LEU A 346 6.04 9.92 -1.79
N ASN A 347 4.94 9.16 -1.83
CA ASN A 347 3.69 9.46 -1.06
C ASN A 347 4.06 9.54 0.42
N THR A 348 4.79 8.57 0.95
CA THR A 348 5.21 8.62 2.35
C THR A 348 5.97 9.94 2.60
N PHE A 349 6.95 10.21 1.75
CA PHE A 349 7.84 11.39 1.90
C PHE A 349 6.99 12.66 1.98
N THR A 350 6.14 12.87 0.98
CA THR A 350 5.40 14.15 0.81
C THR A 350 4.34 14.25 1.93
N ASN A 351 3.83 13.10 2.42
CA ASN A 351 2.85 13.06 3.52
C ASN A 351 3.57 13.45 4.80
N MET A 352 4.78 12.93 5.05
CA MET A 352 5.51 13.28 6.26
C MET A 352 5.73 14.81 6.23
N GLU A 353 6.10 15.33 5.09
CA GLU A 353 6.36 16.79 4.90
C GLU A 353 5.06 17.61 5.20
N ALA A 354 3.97 17.27 4.55
CA ALA A 354 2.65 17.90 4.76
C ALA A 354 2.26 17.88 6.23
N GLN A 355 2.45 16.74 6.92
CA GLN A 355 2.01 16.63 8.30
C GLN A 355 2.93 17.41 9.25
N LEU A 356 4.26 17.45 9.08
CA LEU A 356 5.13 18.34 9.89
C LEU A 356 4.69 19.80 9.76
N ILE A 357 4.36 20.23 8.56
CA ILE A 357 3.93 21.64 8.27
C ILE A 357 2.57 21.88 8.94
N ARG A 358 1.62 20.94 8.85
CA ARG A 358 0.36 21.05 9.62
C ARG A 358 0.71 21.16 11.09
N GLN A 359 1.64 20.36 11.61
CA GLN A 359 2.06 20.49 13.04
C GLN A 359 2.68 21.89 13.28
N MET A 360 3.49 22.44 12.39
CA MET A 360 4.12 23.80 12.59
C MET A 360 3.01 24.85 12.73
N GLU A 361 2.03 24.82 11.83
CA GLU A 361 0.85 25.71 11.86
C GLU A 361 0.15 25.64 13.22
N GLY A 362 -0.10 24.46 13.77
CA GLY A 362 -0.82 24.35 15.05
C GLY A 362 -0.03 24.97 16.20
N GLU A 363 1.29 24.83 16.17
CA GLU A 363 2.21 25.30 17.22
C GLU A 363 2.51 26.81 17.03
N GLY A 364 2.00 27.46 16.00
CA GLY A 364 2.27 28.88 15.78
C GLY A 364 3.70 29.19 15.33
N VAL A 365 4.33 28.33 14.51
CA VAL A 365 5.77 28.50 14.13
C VAL A 365 5.85 29.64 13.11
N PHE A 366 4.82 29.75 12.27
CA PHE A 366 4.65 30.77 11.22
C PHE A 366 3.22 31.31 11.35
N LYS A 367 2.95 32.51 10.87
CA LYS A 367 1.67 33.22 11.16
C LYS A 367 0.73 33.02 9.98
N SER A 368 1.26 33.05 8.76
CA SER A 368 0.45 33.02 7.52
C SER A 368 1.23 32.43 6.35
N ILE A 369 0.48 31.78 5.47
CA ILE A 369 0.99 31.03 4.29
C ILE A 369 1.22 32.01 3.14
N GLN A 370 0.68 33.22 3.28
CA GLN A 370 0.71 34.22 2.17
C GLN A 370 2.17 34.48 1.81
N HIS A 371 3.02 34.60 2.83
CA HIS A 371 4.45 34.96 2.71
C HIS A 371 5.16 34.70 4.05
N LEU A 372 6.33 34.08 4.00
CA LEU A 372 7.17 33.85 5.21
C LEU A 372 8.16 35.03 5.27
N THR A 373 8.24 35.69 6.42
CA THR A 373 9.27 36.71 6.73
C THR A 373 10.63 36.02 6.77
N VAL A 374 11.73 36.77 6.69
CA VAL A 374 13.11 36.22 6.71
C VAL A 374 13.31 35.48 8.03
N THR A 375 12.79 36.05 9.13
CA THR A 375 12.95 35.52 10.51
C THR A 375 12.12 34.24 10.68
N GLU A 376 10.93 34.19 10.06
CA GLU A 376 10.03 33.02 10.11
C GLU A 376 10.76 31.81 9.52
N GLU A 377 11.53 32.02 8.44
CA GLU A 377 12.39 30.95 7.86
C GLU A 377 13.35 30.45 8.92
N ILE A 378 14.04 31.36 9.62
CA ILE A 378 15.01 30.99 10.69
C ILE A 378 14.28 30.15 11.74
N ALA A 379 13.04 30.52 12.07
CA ALA A 379 12.20 29.87 13.12
C ALA A 379 11.82 28.44 12.69
N VAL A 380 11.28 28.28 11.47
CA VAL A 380 10.94 26.96 10.87
C VAL A 380 12.18 26.05 10.97
N LYS A 381 13.30 26.49 10.38
CA LYS A 381 14.57 25.72 10.32
C LYS A 381 14.94 25.29 11.73
N ASN A 382 14.85 26.20 12.70
CA ASN A 382 15.30 25.96 14.10
C ASN A 382 14.33 25.00 14.80
N TRP A 383 13.03 25.13 14.50
CA TRP A 383 11.99 24.16 14.94
C TRP A 383 12.41 22.76 14.47
N LEU A 384 12.60 22.62 13.16
CA LEU A 384 13.01 21.33 12.52
C LEU A 384 14.25 20.78 13.22
N VAL A 385 15.28 21.62 13.41
CA VAL A 385 16.58 21.22 14.02
C VAL A 385 16.35 20.79 15.47
N ARG A 386 15.55 21.54 16.21
CA ARG A 386 15.38 21.35 17.68
C ARG A 386 14.37 20.22 17.98
N VAL A 387 13.26 20.11 17.24
CA VAL A 387 12.16 19.18 17.66
C VAL A 387 11.67 18.31 16.50
N GLY A 388 12.21 18.50 15.29
CA GLY A 388 11.81 17.79 14.05
C GLY A 388 11.69 16.29 14.28
N ARG A 389 12.72 15.66 14.82
CA ARG A 389 12.77 14.19 14.98
C ARG A 389 11.67 13.78 15.97
N GLU A 390 11.48 14.54 17.05
CA GLU A 390 10.42 14.27 18.05
C GLU A 390 9.04 14.32 17.37
N ARG A 391 8.84 15.30 16.48
CA ARG A 391 7.55 15.51 15.82
C ARG A 391 7.29 14.37 14.83
N LEU A 392 8.35 13.82 14.24
CA LEU A 392 8.23 12.68 13.27
C LEU A 392 7.79 11.47 14.08
N SER A 393 8.28 11.35 15.29
CA SER A 393 7.98 10.16 16.11
C SER A 393 6.54 10.15 16.57
N ARG A 394 5.80 11.26 16.39
CA ARG A 394 4.39 11.43 16.83
C ARG A 394 3.45 10.99 15.72
N MET A 395 4.03 10.51 14.62
CA MET A 395 3.26 10.07 13.43
C MET A 395 3.52 8.60 13.03
N ALA A 396 2.52 8.00 12.40
CA ALA A 396 2.58 6.74 11.64
C ALA A 396 2.04 7.03 10.26
N ILE A 397 2.91 6.90 9.25
CA ILE A 397 2.58 7.30 7.87
C ILE A 397 2.93 6.14 6.94
N SER A 398 1.94 5.69 6.19
CA SER A 398 2.01 4.63 5.18
C SER A 398 1.51 5.22 3.89
N GLY A 399 2.39 5.72 3.03
CA GLY A 399 1.91 6.43 1.82
C GLY A 399 0.95 7.56 2.11
N ASP A 400 -0.24 7.57 1.50
CA ASP A 400 -1.21 8.66 1.70
C ASP A 400 -1.96 8.51 3.03
N ASP A 401 -1.64 7.50 3.85
CA ASP A 401 -2.41 7.19 5.08
C ASP A 401 -1.60 7.65 6.29
N CYS A 402 -2.18 8.41 7.22
CA CYS A 402 -1.46 8.93 8.40
C CYS A 402 -2.29 8.86 9.67
N VAL A 403 -1.56 8.80 10.78
CA VAL A 403 -2.07 9.06 12.14
C VAL A 403 -1.05 10.02 12.78
N VAL A 404 -1.54 11.10 13.39
CA VAL A 404 -0.71 12.17 14.04
C VAL A 404 -1.25 12.38 15.43
N LYS A 405 -0.39 12.26 16.42
CA LYS A 405 -0.64 12.73 17.81
C LYS A 405 0.15 14.02 18.05
N PRO A 406 -0.47 15.17 17.74
CA PRO A 406 0.21 16.47 17.86
C PRO A 406 0.37 16.89 19.32
N LEU A 407 1.12 17.97 19.54
CA LEU A 407 1.44 18.49 20.90
C LEU A 407 0.13 18.84 21.62
N ASP A 408 -0.87 19.36 20.89
CA ASP A 408 -2.15 19.82 21.46
C ASP A 408 -3.22 19.78 20.37
N ASP A 409 -4.45 20.20 20.68
CA ASP A 409 -5.57 20.12 19.72
C ASP A 409 -5.67 21.40 18.87
N ARG A 410 -4.72 22.34 18.94
CA ARG A 410 -4.69 23.46 17.96
C ARG A 410 -4.57 22.88 16.53
N PHE A 411 -3.86 21.75 16.39
CA PHE A 411 -3.75 20.97 15.11
C PHE A 411 -5.09 20.81 14.41
N ALA A 412 -6.18 20.54 15.14
CA ALA A 412 -7.52 20.27 14.57
C ALA A 412 -8.02 21.37 13.63
N SER A 413 -7.75 22.63 13.93
CA SER A 413 -8.23 23.75 13.07
C SER A 413 -7.06 24.40 12.33
N ALA A 414 -5.87 23.78 12.28
CA ALA A 414 -4.70 24.32 11.54
C ALA A 414 -4.79 23.82 10.10
N LEU A 415 -5.56 24.51 9.24
CA LEU A 415 -5.99 23.96 7.94
C LEU A 415 -5.47 24.79 6.76
N THR A 416 -4.81 25.93 6.97
CA THR A 416 -4.52 26.84 5.82
C THR A 416 -3.44 26.20 4.93
N ALA A 417 -2.30 25.79 5.49
CA ALA A 417 -1.20 25.14 4.72
C ALA A 417 -1.73 23.84 4.07
N LEU A 418 -2.43 22.98 4.84
CA LEU A 418 -2.91 21.67 4.34
C LEU A 418 -3.78 21.90 3.11
N ASN A 419 -4.75 22.83 3.23
CA ASN A 419 -5.67 23.15 2.11
C ASN A 419 -4.84 23.80 0.98
N ASP A 420 -3.90 24.72 1.30
CA ASP A 420 -3.16 25.43 0.21
C ASP A 420 -2.20 24.45 -0.54
N MET A 421 -1.67 23.41 0.13
CA MET A 421 -0.83 22.37 -0.51
C MET A 421 -1.71 21.51 -1.45
N GLY A 422 -3.04 21.64 -1.42
CA GLY A 422 -4.00 20.79 -2.18
C GLY A 422 -4.35 19.46 -1.50
N LYS A 423 -3.85 19.20 -0.28
CA LYS A 423 -4.16 17.94 0.49
C LYS A 423 -5.47 18.09 1.26
N VAL A 424 -6.55 18.26 0.49
CA VAL A 424 -7.94 18.51 0.97
C VAL A 424 -8.45 17.21 1.60
N ARG A 425 -8.97 17.34 2.83
CA ARG A 425 -9.53 16.20 3.62
C ARG A 425 -10.79 15.66 2.95
N LYS A 426 -10.99 14.34 3.03
CA LYS A 426 -12.17 13.57 2.54
C LYS A 426 -13.35 13.73 3.54
N ASP A 427 -14.59 13.87 3.06
CA ASP A 427 -15.84 13.71 3.89
C ASP A 427 -15.91 14.64 5.11
N ILE A 428 -15.55 15.91 4.91
CA ILE A 428 -15.63 17.02 5.91
C ILE A 428 -15.49 18.33 5.16
N GLN A 429 -16.18 19.39 5.60
CA GLN A 429 -16.16 20.71 4.91
C GLN A 429 -14.77 21.30 5.10
N GLN A 430 -14.32 22.03 4.07
CA GLN A 430 -12.91 22.45 3.89
C GLN A 430 -12.38 23.17 5.12
N TRP A 431 -13.22 23.94 5.83
CA TRP A 431 -12.76 24.79 6.97
C TRP A 431 -13.29 24.29 8.32
N GLU A 432 -14.01 23.17 8.31
CA GLU A 432 -14.52 22.51 9.54
C GLU A 432 -13.34 21.83 10.23
N PRO A 433 -13.09 22.07 11.52
CA PRO A 433 -11.96 21.42 12.19
C PRO A 433 -12.07 19.90 12.21
N SER A 434 -10.93 19.23 12.15
CA SER A 434 -10.80 17.74 12.17
C SER A 434 -11.38 17.18 13.46
N ARG A 435 -12.05 16.03 13.39
CA ARG A 435 -12.50 15.26 14.57
C ARG A 435 -11.42 14.21 14.90
N GLY A 436 -10.83 14.29 16.10
CA GLY A 436 -9.77 13.37 16.52
C GLY A 436 -10.32 12.19 17.34
N TRP A 437 -9.47 11.22 17.64
CA TRP A 437 -9.83 10.00 18.37
C TRP A 437 -9.18 10.09 19.73
N ASN A 438 -9.91 9.80 20.78
CA ASN A 438 -9.41 9.80 22.18
C ASN A 438 -8.83 8.46 22.59
N ASP A 439 -9.00 7.41 21.80
CA ASP A 439 -8.51 6.05 22.22
C ASP A 439 -7.84 5.42 20.98
N TRP A 440 -6.58 5.01 21.12
CA TRP A 440 -5.75 4.46 20.04
C TRP A 440 -6.44 3.21 19.47
N THR A 441 -7.27 2.53 20.24
CA THR A 441 -7.96 1.29 19.78
C THR A 441 -9.12 1.59 18.84
N GLN A 442 -9.45 2.86 18.62
CA GLN A 442 -10.57 3.26 17.72
C GLN A 442 -10.01 3.99 16.47
N VAL A 443 -8.71 4.21 16.40
CA VAL A 443 -8.04 4.91 15.27
C VAL A 443 -8.00 3.99 14.06
N PRO A 444 -8.49 4.43 12.88
CA PRO A 444 -8.32 3.67 11.65
C PRO A 444 -6.90 3.89 11.09
N PHE A 445 -6.26 2.84 10.61
CA PHE A 445 -4.93 2.91 9.92
C PHE A 445 -4.79 1.67 9.05
N CYS A 446 -4.42 1.88 7.77
CA CYS A 446 -4.10 0.81 6.79
C CYS A 446 -5.25 -0.21 6.79
N SER A 447 -6.48 0.31 6.71
CA SER A 447 -7.78 -0.39 6.57
C SER A 447 -8.12 -1.23 7.81
N HIS A 448 -7.47 -1.00 8.96
CA HIS A 448 -7.69 -1.81 10.18
C HIS A 448 -7.99 -0.91 11.39
N HIS A 449 -8.45 -1.53 12.50
CA HIS A 449 -8.26 -0.93 13.85
C HIS A 449 -7.55 -2.00 14.68
N PHE A 450 -7.30 -1.74 15.93
CA PHE A 450 -6.41 -2.60 16.73
C PHE A 450 -7.01 -2.81 18.11
N HIS A 451 -6.97 -4.07 18.59
CA HIS A 451 -7.47 -4.45 19.92
C HIS A 451 -6.31 -4.81 20.85
N GLU A 452 -6.48 -4.51 22.13
CA GLU A 452 -5.58 -4.95 23.24
C GLU A 452 -6.20 -6.24 23.82
N LEU A 453 -5.47 -7.34 23.79
CA LEU A 453 -6.07 -8.67 24.07
C LEU A 453 -5.16 -9.37 25.07
N ILE A 454 -5.67 -9.64 26.27
CA ILE A 454 -4.83 -10.19 27.35
C ILE A 454 -4.97 -11.71 27.35
N MET A 455 -3.83 -12.37 27.30
CA MET A 455 -3.70 -13.83 27.33
C MET A 455 -3.98 -14.32 28.75
N LYS A 456 -4.45 -15.56 28.88
N LYS A 456 -4.47 -15.57 28.86
CA LYS A 456 -4.77 -16.19 30.19
CA LYS A 456 -4.73 -16.28 30.13
C LYS A 456 -3.55 -16.10 31.11
C LYS A 456 -3.56 -16.06 31.09
N ASP A 457 -2.33 -16.06 30.56
CA ASP A 457 -1.09 -15.92 31.37
C ASP A 457 -0.69 -14.45 31.63
N GLY A 458 -1.52 -13.47 31.23
CA GLY A 458 -1.28 -12.06 31.57
C GLY A 458 -0.49 -11.32 30.50
N ARG A 459 0.06 -11.97 29.49
CA ARG A 459 0.86 -11.21 28.52
C ARG A 459 -0.11 -10.44 27.59
N VAL A 460 0.36 -9.37 26.98
CA VAL A 460 -0.47 -8.47 26.13
C VAL A 460 -0.18 -8.64 24.66
N LEU A 461 -1.24 -8.94 23.89
CA LEU A 461 -1.21 -8.93 22.42
C LEU A 461 -1.90 -7.64 21.95
N VAL A 462 -1.31 -6.95 20.99
CA VAL A 462 -2.04 -5.91 20.23
C VAL A 462 -2.26 -6.46 18.85
N VAL A 463 -3.53 -6.68 18.47
CA VAL A 463 -3.89 -7.50 17.28
C VAL A 463 -4.63 -6.64 16.27
N PRO A 464 -4.43 -6.88 14.95
CA PRO A 464 -5.14 -6.16 13.89
C PRO A 464 -6.54 -6.71 13.67
N CYS A 465 -7.47 -5.85 13.20
CA CYS A 465 -8.91 -6.26 13.06
C CYS A 465 -9.60 -5.39 12.04
N ARG A 466 -10.52 -5.96 11.25
CA ARG A 466 -11.44 -5.16 10.45
C ARG A 466 -12.75 -5.92 10.35
N ASN A 467 -13.75 -5.28 9.77
CA ASN A 467 -15.09 -5.88 9.70
C ASN A 467 -14.95 -7.26 8.99
N GLN A 468 -15.56 -8.29 9.53
CA GLN A 468 -15.23 -9.67 9.16
C GLN A 468 -15.79 -9.90 7.79
N ASP A 469 -16.86 -9.18 7.44
CA ASP A 469 -17.44 -9.34 6.09
C ASP A 469 -16.38 -9.02 5.04
N GLU A 470 -15.61 -7.98 5.27
CA GLU A 470 -14.56 -7.55 4.31
C GLU A 470 -13.50 -8.64 4.16
N LEU A 471 -13.11 -9.30 5.26
CA LEU A 471 -12.10 -10.35 5.22
C LEU A 471 -12.57 -11.60 4.45
N ILE A 472 -13.80 -12.04 4.71
CA ILE A 472 -14.35 -13.26 4.07
C ILE A 472 -14.65 -12.98 2.58
N GLY A 473 -15.18 -11.80 2.27
CA GLY A 473 -15.49 -11.36 0.90
C GLY A 473 -14.24 -11.36 0.01
N ARG A 474 -13.11 -10.86 0.52
CA ARG A 474 -11.84 -10.81 -0.26
C ARG A 474 -11.25 -12.23 -0.42
N ALA A 475 -11.32 -13.07 0.60
CA ALA A 475 -10.80 -14.46 0.56
C ALA A 475 -11.55 -15.25 -0.53
N ARG A 476 -12.79 -14.87 -0.84
CA ARG A 476 -13.67 -15.61 -1.79
C ARG A 476 -13.38 -15.18 -3.23
N ILE A 477 -12.41 -14.30 -3.46
CA ILE A 477 -12.13 -13.73 -4.80
C ILE A 477 -10.70 -14.08 -5.22
N SER A 478 -10.56 -14.61 -6.44
N SER A 478 -10.55 -14.62 -6.44
CA SER A 478 -9.28 -14.87 -7.16
CA SER A 478 -9.25 -14.86 -7.12
C SER A 478 -9.24 -14.00 -8.42
C SER A 478 -9.21 -14.05 -8.43
N GLN A 479 -8.13 -13.31 -8.64
CA GLN A 479 -7.88 -12.49 -9.87
C GLN A 479 -7.09 -13.34 -10.87
N GLY A 480 -7.53 -13.36 -12.14
CA GLY A 480 -6.79 -13.97 -13.27
C GLY A 480 -7.51 -15.18 -13.85
N ALA A 481 -7.02 -15.64 -15.01
CA ALA A 481 -7.58 -16.77 -15.80
C ALA A 481 -6.67 -18.00 -15.68
N GLY A 482 -7.19 -19.16 -16.08
CA GLY A 482 -6.46 -20.44 -16.12
C GLY A 482 -5.98 -20.85 -14.74
N TRP A 483 -6.84 -20.75 -13.72
CA TRP A 483 -6.51 -21.35 -12.39
C TRP A 483 -6.94 -22.82 -12.37
N SER A 484 -5.99 -23.71 -12.09
CA SER A 484 -6.27 -25.14 -11.82
C SER A 484 -6.96 -25.27 -10.46
N LEU A 485 -7.57 -26.42 -10.16
CA LEU A 485 -8.11 -26.71 -8.81
C LEU A 485 -7.01 -26.64 -7.74
N ARG A 486 -5.83 -27.14 -8.04
CA ARG A 486 -4.67 -27.12 -7.12
C ARG A 486 -4.28 -25.67 -6.87
N GLU A 487 -4.15 -24.83 -7.87
CA GLU A 487 -3.76 -23.43 -7.62
C GLU A 487 -4.84 -22.67 -6.82
N THR A 488 -6.13 -22.88 -7.11
CA THR A 488 -7.25 -22.28 -6.36
C THR A 488 -7.16 -22.74 -4.90
N ALA A 489 -6.98 -24.04 -4.67
CA ALA A 489 -6.77 -24.52 -3.27
C ALA A 489 -5.63 -23.81 -2.56
N CYS A 490 -4.47 -23.69 -3.21
CA CYS A 490 -3.27 -23.12 -2.55
C CYS A 490 -3.51 -21.64 -2.21
N LEU A 491 -4.23 -20.89 -3.05
CA LEU A 491 -4.62 -19.50 -2.71
C LEU A 491 -5.57 -19.50 -1.51
N GLY A 492 -6.46 -20.48 -1.39
CA GLY A 492 -7.35 -20.52 -0.22
C GLY A 492 -6.53 -20.76 1.02
N LYS A 493 -5.54 -21.61 0.89
CA LYS A 493 -4.61 -21.93 2.02
C LYS A 493 -3.85 -20.68 2.46
N SER A 494 -3.37 -19.86 1.52
CA SER A 494 -2.69 -18.57 1.86
C SER A 494 -3.63 -17.71 2.71
N TYR A 495 -4.90 -17.51 2.33
CA TYR A 495 -5.86 -16.71 3.14
C TYR A 495 -6.00 -17.40 4.49
N ALA A 496 -6.17 -18.71 4.49
CA ALA A 496 -6.40 -19.41 5.78
C ALA A 496 -5.21 -19.19 6.70
N GLN A 497 -4.02 -19.32 6.18
CA GLN A 497 -2.81 -19.16 7.06
C GLN A 497 -2.67 -17.67 7.50
N MET A 498 -3.04 -16.73 6.62
CA MET A 498 -3.01 -15.31 7.05
C MET A 498 -3.96 -15.14 8.25
N TRP A 499 -5.16 -15.69 8.16
CA TRP A 499 -6.16 -15.56 9.25
C TRP A 499 -5.63 -16.18 10.55
N SER A 500 -5.04 -17.38 10.47
N SER A 500 -5.03 -17.38 10.47
CA SER A 500 -4.47 -18.04 11.67
CA SER A 500 -4.48 -18.05 11.68
C SER A 500 -3.44 -17.13 12.34
C SER A 500 -3.43 -17.15 12.35
N LEU A 501 -2.67 -16.38 11.56
CA LEU A 501 -1.57 -15.53 12.11
C LEU A 501 -2.01 -14.12 12.58
N MET A 502 -2.89 -13.45 11.83
CA MET A 502 -3.30 -12.06 12.03
C MET A 502 -4.67 -12.00 12.74
N TYR A 503 -5.60 -12.93 12.51
CA TYR A 503 -7.02 -12.78 12.92
C TYR A 503 -7.49 -14.01 13.72
N PHE A 504 -6.58 -14.68 14.44
CA PHE A 504 -6.85 -15.88 15.24
C PHE A 504 -7.87 -15.55 16.34
N HIS A 505 -7.91 -14.26 16.72
CA HIS A 505 -8.77 -13.69 17.80
C HIS A 505 -10.25 -13.59 17.36
N ARG A 506 -10.58 -13.90 16.08
CA ARG A 506 -11.97 -13.84 15.54
C ARG A 506 -12.45 -15.30 15.45
N ARG A 507 -13.46 -15.69 16.25
CA ARG A 507 -13.95 -17.07 16.34
C ARG A 507 -14.15 -17.68 14.95
N ASP A 508 -14.89 -17.02 14.07
CA ASP A 508 -15.26 -17.53 12.77
C ASP A 508 -14.01 -17.77 11.90
N LEU A 509 -13.04 -16.87 11.97
CA LEU A 509 -11.88 -16.96 11.07
C LEU A 509 -10.94 -18.06 11.57
N ARG A 510 -10.83 -18.31 12.87
CA ARG A 510 -9.95 -19.42 13.33
C ARG A 510 -10.58 -20.76 12.91
N LEU A 511 -11.90 -20.84 12.95
CA LEU A 511 -12.60 -22.09 12.63
C LEU A 511 -12.53 -22.28 11.11
N ALA A 512 -12.78 -21.26 10.33
CA ALA A 512 -12.72 -21.38 8.86
C ALA A 512 -11.26 -21.66 8.40
N ALA A 513 -10.29 -20.99 8.97
CA ALA A 513 -8.84 -21.24 8.71
C ALA A 513 -8.49 -22.71 8.98
N ASN A 514 -8.92 -23.25 10.12
CA ASN A 514 -8.69 -24.67 10.44
C ASN A 514 -9.38 -25.57 9.41
N ALA A 515 -10.59 -25.20 8.95
CA ALA A 515 -11.32 -26.02 7.99
C ALA A 515 -10.59 -26.01 6.64
N ILE A 516 -10.24 -24.86 6.09
CA ILE A 516 -9.51 -24.75 4.81
C ILE A 516 -8.16 -25.52 4.93
N CYS A 517 -7.41 -25.39 5.99
CA CYS A 517 -6.11 -26.11 6.12
C CYS A 517 -6.40 -27.62 6.22
N SER A 518 -7.58 -28.04 6.69
CA SER A 518 -7.90 -29.48 6.80
C SER A 518 -8.30 -30.00 5.43
N ALA A 519 -8.77 -29.11 4.53
CA ALA A 519 -9.47 -29.50 3.28
C ALA A 519 -8.46 -29.55 2.15
N VAL A 520 -7.38 -28.80 2.28
CA VAL A 520 -6.30 -28.67 1.30
C VAL A 520 -5.17 -29.62 1.71
N PRO A 521 -4.57 -30.41 0.77
CA PRO A 521 -3.50 -31.36 1.13
C PRO A 521 -2.42 -30.67 1.95
N SER A 522 -2.00 -31.35 3.01
N SER A 522 -2.00 -31.36 3.01
CA SER A 522 -1.10 -30.81 4.08
CA SER A 522 -1.10 -30.88 4.08
C SER A 522 0.17 -30.23 3.48
C SER A 522 0.16 -30.24 3.47
N HIS A 523 0.76 -30.86 2.43
CA HIS A 523 2.09 -30.42 1.88
C HIS A 523 1.98 -29.45 0.72
N TRP A 524 0.76 -29.17 0.22
CA TRP A 524 0.66 -28.17 -0.88
C TRP A 524 1.02 -26.78 -0.35
N VAL A 525 1.73 -26.04 -1.18
CA VAL A 525 2.40 -24.77 -0.77
C VAL A 525 1.44 -23.62 -1.05
N PRO A 526 1.19 -22.74 -0.08
CA PRO A 526 0.38 -21.56 -0.34
C PRO A 526 0.96 -20.69 -1.46
N THR A 527 0.10 -20.15 -2.33
CA THR A 527 0.46 -19.28 -3.49
C THR A 527 -0.35 -17.99 -3.48
N SER A 528 0.15 -16.98 -4.19
CA SER A 528 -0.51 -15.68 -4.45
C SER A 528 0.11 -15.04 -5.69
N ARG A 529 -0.56 -15.13 -6.85
CA ARG A 529 -0.01 -14.65 -8.14
C ARG A 529 -0.01 -13.11 -8.16
N THR A 537 5.40 -7.57 5.93
CA THR A 537 5.90 -8.97 5.93
C THR A 537 4.74 -9.94 5.70
N HIS A 538 5.03 -11.15 5.19
CA HIS A 538 4.02 -12.20 4.84
C HIS A 538 4.47 -13.56 5.38
N GLU A 539 4.57 -13.69 6.71
CA GLU A 539 5.07 -14.92 7.40
C GLU A 539 4.14 -16.11 7.14
N TRP A 540 2.88 -15.88 6.73
CA TRP A 540 1.90 -16.96 6.50
C TRP A 540 2.23 -17.73 5.20
N MET A 541 3.11 -17.20 4.35
CA MET A 541 3.47 -17.87 3.05
C MET A 541 4.59 -18.88 3.32
N THR A 542 4.22 -20.07 3.80
CA THR A 542 5.17 -21.11 4.30
C THR A 542 4.42 -22.43 4.47
N THR A 543 5.17 -23.53 4.59
CA THR A 543 4.65 -24.90 4.86
C THR A 543 4.96 -25.31 6.30
N GLU A 544 5.65 -24.46 7.06
CA GLU A 544 5.94 -24.67 8.51
C GLU A 544 4.60 -24.74 9.29
N ASP A 545 4.64 -25.39 10.45
CA ASP A 545 3.51 -25.49 11.42
C ASP A 545 3.10 -24.06 11.82
N MET A 546 1.82 -23.69 11.69
CA MET A 546 1.33 -22.32 11.96
C MET A 546 1.49 -22.00 13.45
N LEU A 547 1.38 -23.00 14.33
CA LEU A 547 1.68 -22.76 15.78
C LEU A 547 3.13 -22.30 15.94
N THR A 548 4.07 -22.88 15.19
CA THR A 548 5.51 -22.51 15.31
C THR A 548 5.70 -21.08 14.78
N VAL A 549 5.11 -20.79 13.64
CA VAL A 549 5.14 -19.42 13.07
C VAL A 549 4.48 -18.44 14.05
N TRP A 550 3.35 -18.80 14.67
CA TRP A 550 2.62 -17.90 15.58
C TRP A 550 3.58 -17.52 16.70
N ASN A 551 4.22 -18.52 17.32
CA ASN A 551 5.15 -18.35 18.47
C ASN A 551 6.31 -17.46 18.07
N ARG A 552 6.85 -17.62 16.86
CA ARG A 552 7.98 -16.77 16.39
C ARG A 552 7.51 -15.31 16.35
N VAL A 553 6.42 -15.03 15.61
CA VAL A 553 5.96 -13.65 15.30
C VAL A 553 5.47 -12.95 16.58
N TRP A 554 4.62 -13.60 17.38
CA TRP A 554 3.93 -12.95 18.51
C TRP A 554 4.74 -12.95 19.80
N ILE A 555 5.69 -13.88 19.96
CA ILE A 555 6.44 -14.06 21.24
C ILE A 555 7.93 -13.79 20.99
N GLN A 556 8.61 -14.69 20.25
CA GLN A 556 10.10 -14.71 20.10
C GLN A 556 10.59 -13.37 19.52
N GLU A 557 10.04 -12.97 18.36
CA GLU A 557 10.54 -11.81 17.57
C GLU A 557 9.77 -10.52 17.89
N ASN A 558 8.89 -10.54 18.90
CA ASN A 558 8.00 -9.40 19.29
C ASN A 558 8.75 -8.54 20.33
N PRO A 559 9.25 -7.34 19.97
CA PRO A 559 9.98 -6.50 20.92
C PRO A 559 9.14 -5.93 22.07
N TRP A 560 7.80 -5.96 21.95
CA TRP A 560 6.90 -5.50 23.05
C TRP A 560 6.63 -6.59 24.11
N MET A 561 7.03 -7.84 23.86
CA MET A 561 6.81 -9.03 24.72
C MET A 561 8.12 -9.36 25.47
N GLU A 562 8.19 -9.07 26.77
CA GLU A 562 9.41 -9.34 27.58
C GLU A 562 9.55 -10.86 27.76
N ASP A 563 8.51 -11.50 28.31
CA ASP A 563 8.49 -12.94 28.65
C ASP A 563 8.40 -13.75 27.35
N LYS A 564 9.40 -14.60 27.08
CA LYS A 564 9.56 -15.31 25.79
C LYS A 564 9.09 -16.77 25.90
N THR A 565 8.32 -17.11 26.94
CA THR A 565 7.79 -18.48 27.16
C THR A 565 6.92 -18.87 25.95
N PRO A 566 7.29 -19.92 25.19
CA PRO A 566 6.48 -20.34 24.04
C PRO A 566 5.07 -20.78 24.47
N VAL A 567 4.10 -20.64 23.56
CA VAL A 567 2.74 -21.24 23.69
C VAL A 567 2.79 -22.65 23.09
N GLU A 568 2.17 -23.63 23.75
CA GLU A 568 2.28 -25.09 23.41
C GLU A 568 1.03 -25.57 22.66
N SER A 569 -0.06 -24.79 22.65
CA SER A 569 -1.34 -25.18 22.03
C SER A 569 -2.13 -23.95 21.58
N TRP A 570 -2.87 -24.09 20.48
CA TRP A 570 -3.82 -23.03 20.04
C TRP A 570 -4.77 -22.59 21.19
N GLU A 571 -5.13 -23.50 22.11
CA GLU A 571 -6.12 -23.22 23.19
C GLU A 571 -5.58 -22.17 24.17
N GLU A 572 -4.26 -21.99 24.26
CA GLU A 572 -3.63 -20.91 25.07
C GLU A 572 -3.76 -19.54 24.38
N ILE A 573 -4.17 -19.51 23.11
CA ILE A 573 -4.22 -18.25 22.31
C ILE A 573 -5.65 -17.71 22.37
N PRO A 574 -5.84 -16.47 22.90
CA PRO A 574 -7.18 -15.97 23.21
C PRO A 574 -7.98 -15.45 21.99
N TYR A 575 -9.28 -15.28 22.19
CA TYR A 575 -10.20 -14.59 21.27
C TYR A 575 -10.57 -13.21 21.86
N LEU A 576 -11.12 -12.33 21.01
CA LEU A 576 -11.85 -11.11 21.47
C LEU A 576 -13.01 -11.58 22.35
N GLY A 577 -13.47 -10.73 23.27
CA GLY A 577 -14.77 -10.89 23.93
C GLY A 577 -15.84 -11.28 22.93
N LYS A 578 -16.79 -12.14 23.31
CA LYS A 578 -17.86 -12.59 22.38
C LYS A 578 -18.63 -11.39 21.82
N ARG A 579 -18.93 -10.38 22.65
CA ARG A 579 -19.71 -9.22 22.20
C ARG A 579 -18.86 -8.39 21.22
N GLU A 580 -17.58 -8.20 21.54
CA GLU A 580 -16.61 -7.45 20.70
C GLU A 580 -16.44 -8.18 19.36
N ASP A 581 -16.55 -9.50 19.34
CA ASP A 581 -16.43 -10.31 18.09
C ASP A 581 -17.66 -10.03 17.22
N GLN A 582 -18.86 -10.02 17.81
CA GLN A 582 -20.11 -9.68 17.09
C GLN A 582 -20.06 -8.25 16.59
N TRP A 583 -19.66 -7.29 17.46
CA TRP A 583 -19.47 -5.88 17.00
C TRP A 583 -18.64 -5.83 15.69
N CYS A 584 -17.54 -6.61 15.58
CA CYS A 584 -16.61 -6.58 14.43
C CYS A 584 -17.05 -7.57 13.35
N GLY A 585 -18.31 -8.05 13.42
CA GLY A 585 -19.01 -8.74 12.30
C GLY A 585 -19.17 -10.24 12.46
N SER A 586 -18.76 -10.86 13.59
CA SER A 586 -18.94 -12.32 13.83
C SER A 586 -20.43 -12.73 13.71
N LEU A 587 -20.65 -13.92 13.16
CA LEU A 587 -21.96 -14.60 13.08
C LEU A 587 -22.23 -15.47 14.30
N ILE A 588 -21.32 -15.51 15.28
CA ILE A 588 -21.52 -16.27 16.55
C ILE A 588 -22.89 -15.89 17.14
N GLY A 589 -23.72 -16.88 17.47
CA GLY A 589 -25.09 -16.66 17.98
C GLY A 589 -26.17 -16.93 16.94
N LEU A 590 -25.85 -16.90 15.65
CA LEU A 590 -26.82 -17.20 14.55
C LEU A 590 -26.89 -18.72 14.34
N THR A 591 -28.09 -19.22 14.03
CA THR A 591 -28.38 -20.65 13.79
C THR A 591 -27.59 -21.15 12.57
N SER A 592 -27.53 -20.36 11.49
CA SER A 592 -26.68 -20.67 10.31
C SER A 592 -25.25 -21.04 10.78
N ARG A 593 -24.65 -20.18 11.60
CA ARG A 593 -23.24 -20.32 12.07
C ARG A 593 -23.12 -21.60 12.91
N ALA A 594 -24.09 -21.87 13.79
CA ALA A 594 -24.07 -23.06 14.67
C ALA A 594 -24.12 -24.34 13.82
N THR A 595 -24.96 -24.37 12.78
CA THR A 595 -25.08 -25.55 11.90
C THR A 595 -23.77 -25.76 11.10
N TRP A 596 -23.22 -24.67 10.59
CA TRP A 596 -21.89 -24.66 9.93
C TRP A 596 -20.84 -25.28 10.87
N ALA A 597 -20.65 -24.75 12.07
CA ALA A 597 -19.57 -25.21 12.97
C ALA A 597 -19.76 -26.68 13.36
N LYS A 598 -20.99 -27.05 13.75
CA LYS A 598 -21.34 -28.44 14.15
C LYS A 598 -21.00 -29.42 13.02
N ASN A 599 -21.40 -29.09 11.79
CA ASN A 599 -21.22 -30.00 10.61
C ASN A 599 -19.97 -29.71 9.75
N ILE A 600 -18.95 -29.07 10.32
CA ILE A 600 -17.78 -28.58 9.51
C ILE A 600 -17.10 -29.76 8.80
N GLN A 601 -16.96 -30.93 9.44
N GLN A 601 -17.00 -30.92 9.46
CA GLN A 601 -16.27 -32.11 8.84
CA GLN A 601 -16.34 -32.13 8.91
C GLN A 601 -16.96 -32.52 7.52
C GLN A 601 -16.98 -32.54 7.57
N THR A 602 -18.27 -32.34 7.40
CA THR A 602 -19.03 -32.63 6.15
C THR A 602 -18.60 -31.66 5.04
N ALA A 603 -18.33 -30.40 5.38
CA ALA A 603 -17.88 -29.37 4.41
C ALA A 603 -16.46 -29.71 3.99
N ILE A 604 -15.59 -29.99 4.99
CA ILE A 604 -14.18 -30.38 4.74
C ILE A 604 -14.18 -31.60 3.79
N ASN A 605 -15.00 -32.61 4.08
CA ASN A 605 -15.07 -33.85 3.27
C ASN A 605 -15.55 -33.51 1.85
N GLN A 606 -16.46 -32.55 1.68
CA GLN A 606 -16.94 -32.18 0.33
C GLN A 606 -15.74 -31.73 -0.51
N VAL A 607 -14.97 -30.83 0.03
CA VAL A 607 -13.80 -30.23 -0.67
C VAL A 607 -12.70 -31.29 -0.87
N ARG A 608 -12.43 -32.15 0.13
CA ARG A 608 -11.47 -33.25 -0.06
C ARG A 608 -11.90 -34.20 -1.22
N SER A 609 -13.18 -34.50 -1.33
CA SER A 609 -13.71 -35.38 -2.38
C SER A 609 -13.52 -34.73 -3.75
N LEU A 610 -13.59 -33.42 -3.86
CA LEU A 610 -13.44 -32.70 -5.15
C LEU A 610 -11.95 -32.71 -5.56
N ILE A 611 -11.06 -32.47 -4.61
CA ILE A 611 -9.59 -32.40 -4.86
C ILE A 611 -9.06 -33.83 -5.12
N GLY A 612 -9.46 -34.80 -4.30
CA GLY A 612 -9.29 -36.23 -4.57
C GLY A 612 -8.43 -36.88 -3.50
N ASN A 613 -7.88 -38.05 -3.81
CA ASN A 613 -7.15 -38.94 -2.86
C ASN A 613 -5.74 -38.38 -2.64
N GLU A 614 -5.59 -37.50 -1.66
CA GLU A 614 -4.34 -36.78 -1.38
C GLU A 614 -4.09 -37.01 0.10
N GLU A 615 -2.95 -36.59 0.61
CA GLU A 615 -2.67 -36.65 2.07
C GLU A 615 -3.24 -35.35 2.68
N TYR A 616 -4.10 -35.49 3.68
CA TYR A 616 -4.77 -34.42 4.44
C TYR A 616 -4.51 -34.63 5.92
N THR A 617 -4.43 -33.51 6.66
CA THR A 617 -4.30 -33.46 8.14
C THR A 617 -5.54 -32.77 8.72
N ASP A 618 -6.15 -33.40 9.73
CA ASP A 618 -7.26 -32.82 10.53
C ASP A 618 -6.66 -31.78 11.49
N TYR A 619 -7.03 -30.50 11.34
CA TYR A 619 -6.65 -29.41 12.27
C TYR A 619 -7.82 -29.00 13.17
N MET A 620 -9.02 -29.58 12.99
CA MET A 620 -10.20 -29.16 13.81
C MET A 620 -9.99 -29.42 15.33
N PRO A 621 -9.50 -30.60 15.76
CA PRO A 621 -9.22 -30.87 17.18
C PRO A 621 -8.19 -29.95 17.88
N SER A 622 -7.55 -29.03 17.15
CA SER A 622 -6.74 -27.92 17.71
C SER A 622 -7.64 -26.94 18.48
N MET A 623 -8.95 -26.95 18.21
CA MET A 623 -9.97 -26.11 18.90
C MET A 623 -10.69 -26.96 19.97
N LYS A 624 -10.94 -26.37 21.15
CA LYS A 624 -11.52 -27.07 22.33
C LYS A 624 -12.79 -27.84 21.95
N ARG A 625 -13.71 -27.24 21.19
CA ARG A 625 -15.06 -27.80 20.93
C ARG A 625 -14.94 -29.13 20.16
N PHE A 626 -13.96 -29.25 19.25
CA PHE A 626 -13.73 -30.43 18.38
C PHE A 626 -12.77 -31.42 19.06
N ARG A 627 -12.11 -31.01 20.15
CA ARG A 627 -11.26 -31.89 20.99
C ARG A 627 -12.18 -32.76 21.85
N ARG A 628 -13.00 -33.61 21.21
CA ARG A 628 -13.94 -34.56 21.85
C ARG A 628 -14.82 -33.84 22.89
#